data_9BFL
#
_entry.id   9BFL
#
_entity_poly.entity_id   1
_entity_poly.type   'polypeptide(L)'
_entity_poly.pdbx_seq_one_letter_code
;HCTPNSNHCW(NH2)
;
_entity_poly.pdbx_strand_id   A
#
# COMPACT_ATOMS: atom_id res chain seq x y z
N HIS A 1 2.67 -5.03 6.61
CA HIS A 1 1.35 -4.99 6.00
C HIS A 1 0.97 -3.57 5.61
N CYS A 2 0.88 -3.35 4.33
CA CYS A 2 0.51 -2.07 3.79
C CYS A 2 -0.93 -2.08 3.32
N THR A 3 -1.51 -0.92 3.16
CA THR A 3 -2.84 -0.82 2.65
C THR A 3 -2.73 -0.78 1.12
N PRO A 4 -3.50 -1.61 0.40
CA PRO A 4 -3.45 -1.70 -1.10
C PRO A 4 -3.81 -0.39 -1.81
N ASN A 5 -4.24 0.53 -1.03
CA ASN A 5 -4.73 1.82 -1.50
C ASN A 5 -3.63 2.88 -1.48
N SER A 6 -2.46 2.53 -1.00
CA SER A 6 -1.36 3.45 -1.01
C SER A 6 -0.38 3.07 -2.13
N ASN A 7 0.22 4.07 -2.75
CA ASN A 7 1.15 3.83 -3.87
C ASN A 7 2.45 3.22 -3.39
N HIS A 8 2.79 3.49 -2.14
CA HIS A 8 4.02 2.99 -1.54
C HIS A 8 3.82 1.60 -0.93
N CYS A 9 2.65 1.03 -1.16
CA CYS A 9 2.38 -0.32 -0.71
C CYS A 9 2.93 -1.30 -1.73
N TRP A 10 3.59 -2.32 -1.24
CA TRP A 10 4.17 -3.32 -2.10
C TRP A 10 3.18 -4.45 -2.30
N HIS A 1 1.92 -3.63 7.96
CA HIS A 1 0.97 -4.01 6.91
C HIS A 1 0.66 -2.77 6.10
N CYS A 2 0.81 -2.86 4.81
CA CYS A 2 0.49 -1.75 3.96
C CYS A 2 -0.84 -1.99 3.32
N THR A 3 -1.58 -0.96 3.07
CA THR A 3 -2.84 -1.13 2.43
C THR A 3 -2.67 -0.85 0.93
N PRO A 4 -3.32 -1.65 0.04
CA PRO A 4 -3.20 -1.51 -1.43
C PRO A 4 -3.67 -0.17 -1.97
N ASN A 5 -4.28 0.58 -1.12
CA ASN A 5 -4.78 1.90 -1.44
C ASN A 5 -3.62 2.90 -1.44
N SER A 6 -2.55 2.52 -0.78
CA SER A 6 -1.38 3.34 -0.69
C SER A 6 -0.42 2.98 -1.80
N ASN A 7 0.06 3.99 -2.50
CA ASN A 7 0.96 3.86 -3.64
C ASN A 7 2.22 3.09 -3.28
N HIS A 8 2.79 3.43 -2.15
CA HIS A 8 4.06 2.87 -1.71
C HIS A 8 3.93 1.43 -1.22
N CYS A 9 2.72 0.93 -1.14
CA CYS A 9 2.50 -0.47 -0.77
C CYS A 9 2.86 -1.34 -1.96
N TRP A 10 2.81 -0.75 -3.15
CA TRP A 10 3.14 -1.43 -4.37
C TRP A 10 4.57 -1.07 -4.76
N HIS A 1 -0.61 -4.53 8.52
CA HIS A 1 -0.49 -4.92 7.12
C HIS A 1 -0.35 -3.67 6.29
N CYS A 2 0.01 -3.83 5.05
CA CYS A 2 0.19 -2.71 4.17
C CYS A 2 -1.14 -2.37 3.53
N THR A 3 -1.33 -1.13 3.17
CA THR A 3 -2.58 -0.73 2.60
C THR A 3 -2.47 -0.68 1.07
N PRO A 4 -3.25 -1.49 0.35
CA PRO A 4 -3.24 -1.56 -1.14
C PRO A 4 -3.74 -0.28 -1.81
N ASN A 5 -4.21 0.59 -0.99
CA ASN A 5 -4.76 1.87 -1.41
C ASN A 5 -3.69 2.95 -1.38
N SER A 6 -2.49 2.58 -1.01
CA SER A 6 -1.38 3.48 -0.99
C SER A 6 -0.43 3.07 -2.12
N ASN A 7 0.06 4.04 -2.87
CA ASN A 7 0.94 3.78 -4.03
C ASN A 7 2.30 3.22 -3.58
N HIS A 8 2.73 3.62 -2.41
CA HIS A 8 4.00 3.18 -1.86
C HIS A 8 3.91 1.82 -1.17
N CYS A 9 2.82 1.13 -1.37
CA CYS A 9 2.63 -0.17 -0.76
C CYS A 9 3.34 -1.25 -1.57
N TRP A 10 3.91 -2.22 -0.88
CA TRP A 10 4.58 -3.33 -1.50
C TRP A 10 3.52 -4.33 -1.94
N HIS A 1 0.84 -5.19 7.79
CA HIS A 1 -0.29 -4.87 6.96
C HIS A 1 0.02 -3.63 6.15
N CYS A 2 0.04 -3.77 4.87
CA CYS A 2 0.29 -2.68 3.98
C CYS A 2 -1.03 -2.23 3.39
N THR A 3 -1.16 -0.95 3.18
CA THR A 3 -2.36 -0.38 2.64
C THR A 3 -2.41 -0.60 1.12
N PRO A 4 -3.42 -1.32 0.64
CA PRO A 4 -3.54 -1.68 -0.78
C PRO A 4 -3.94 -0.51 -1.66
N ASN A 5 -4.27 0.56 -1.02
CA ASN A 5 -4.73 1.78 -1.69
C ASN A 5 -3.65 2.83 -1.63
N SER A 6 -2.48 2.45 -1.21
CA SER A 6 -1.38 3.36 -1.13
C SER A 6 -0.39 3.04 -2.22
N ASN A 7 0.14 4.08 -2.84
CA ASN A 7 1.11 3.90 -3.92
C ASN A 7 2.46 3.53 -3.36
N HIS A 8 2.55 3.52 -2.04
CA HIS A 8 3.78 3.19 -1.36
C HIS A 8 3.78 1.71 -0.97
N CYS A 9 2.78 1.00 -1.41
CA CYS A 9 2.65 -0.38 -1.05
C CYS A 9 3.39 -1.25 -2.05
N TRP A 10 4.34 -2.03 -1.59
CA TRP A 10 5.07 -2.91 -2.45
C TRP A 10 5.16 -4.30 -1.81
N HIS A 1 0.99 -3.28 8.27
CA HIS A 1 0.47 -3.79 7.01
C HIS A 1 0.36 -2.66 6.03
N CYS A 2 0.67 -2.91 4.79
CA CYS A 2 0.60 -1.90 3.78
C CYS A 2 -0.81 -1.88 3.22
N THR A 3 -1.31 -0.70 3.01
CA THR A 3 -2.67 -0.52 2.59
C THR A 3 -2.76 -0.65 1.07
N PRO A 4 -3.65 -1.52 0.55
CA PRO A 4 -3.77 -1.78 -0.91
C PRO A 4 -4.13 -0.55 -1.76
N ASN A 5 -4.43 0.51 -1.09
CA ASN A 5 -4.78 1.78 -1.72
C ASN A 5 -3.60 2.75 -1.66
N SER A 6 -2.51 2.31 -1.12
CA SER A 6 -1.37 3.15 -0.93
C SER A 6 -0.38 2.95 -2.05
N ASN A 7 0.24 4.04 -2.49
CA ASN A 7 1.25 3.99 -3.54
C ASN A 7 2.55 3.50 -2.96
N HIS A 8 2.57 3.38 -1.64
CA HIS A 8 3.74 2.90 -0.92
C HIS A 8 3.84 1.39 -1.05
N CYS A 9 2.74 0.75 -1.38
CA CYS A 9 2.73 -0.70 -1.53
C CYS A 9 3.50 -1.14 -2.75
N TRP A 10 4.64 -1.74 -2.52
CA TRP A 10 5.46 -2.31 -3.56
C TRP A 10 6.41 -3.32 -2.91
N HIS A 1 -0.01 -6.15 5.26
CA HIS A 1 0.48 -5.15 6.19
C HIS A 1 0.33 -3.72 5.66
N CYS A 2 0.70 -3.47 4.41
CA CYS A 2 0.54 -2.14 3.85
C CYS A 2 -0.83 -2.02 3.19
N THR A 3 -1.38 -0.83 3.16
CA THR A 3 -2.67 -0.60 2.57
C THR A 3 -2.53 -0.57 1.04
N PRO A 4 -3.30 -1.41 0.33
CA PRO A 4 -3.20 -1.54 -1.14
C PRO A 4 -3.68 -0.30 -1.88
N ASN A 5 -4.22 0.57 -1.13
CA ASN A 5 -4.75 1.83 -1.61
C ASN A 5 -3.64 2.86 -1.64
N SER A 6 -2.59 2.58 -0.91
CA SER A 6 -1.44 3.44 -0.86
C SER A 6 -0.46 2.97 -1.94
N ASN A 7 0.07 3.90 -2.71
CA ASN A 7 0.99 3.57 -3.82
C ASN A 7 2.31 3.06 -3.29
N HIS A 8 2.64 3.45 -2.07
CA HIS A 8 3.86 3.01 -1.40
C HIS A 8 3.78 1.58 -0.90
N CYS A 9 2.65 0.96 -1.10
CA CYS A 9 2.49 -0.44 -0.76
C CYS A 9 2.91 -1.29 -1.96
N TRP A 10 3.01 -0.63 -3.11
CA TRP A 10 3.35 -1.30 -4.34
C TRP A 10 4.69 -0.81 -4.84
N HIS A 1 -1.09 -5.55 7.06
CA HIS A 1 -0.05 -5.26 6.07
C HIS A 1 -0.17 -3.80 5.68
N CYS A 2 0.56 -3.38 4.69
CA CYS A 2 0.43 -2.05 4.15
C CYS A 2 -0.89 -1.97 3.36
N THR A 3 -1.37 -0.79 3.13
CA THR A 3 -2.63 -0.63 2.45
C THR A 3 -2.46 -0.66 0.95
N PRO A 4 -3.19 -1.53 0.24
CA PRO A 4 -3.12 -1.65 -1.24
C PRO A 4 -3.64 -0.41 -1.96
N ASN A 5 -4.19 0.44 -1.17
CA ASN A 5 -4.76 1.70 -1.60
C ASN A 5 -3.70 2.79 -1.52
N SER A 6 -2.57 2.46 -0.95
CA SER A 6 -1.47 3.38 -0.81
C SER A 6 -0.41 3.03 -1.87
N ASN A 7 0.14 4.05 -2.50
CA ASN A 7 1.05 3.87 -3.65
C ASN A 7 2.34 3.20 -3.26
N HIS A 8 2.84 3.49 -2.08
CA HIS A 8 4.10 2.89 -1.65
C HIS A 8 3.93 1.43 -1.23
N CYS A 9 2.69 1.01 -1.09
CA CYS A 9 2.40 -0.38 -0.81
C CYS A 9 2.13 -1.10 -2.11
N TRP A 10 1.26 -0.53 -2.93
CA TRP A 10 0.87 -1.14 -4.18
C TRP A 10 1.88 -0.79 -5.28
N HIS A 1 1.89 -5.00 6.98
CA HIS A 1 0.87 -5.04 5.94
C HIS A 1 0.52 -3.61 5.53
N CYS A 2 0.83 -3.28 4.31
CA CYS A 2 0.53 -1.97 3.79
C CYS A 2 -0.90 -1.92 3.23
N THR A 3 -1.48 -0.75 3.18
CA THR A 3 -2.81 -0.57 2.66
C THR A 3 -2.77 -0.71 1.13
N PRO A 4 -3.65 -1.53 0.54
CA PRO A 4 -3.65 -1.82 -0.92
C PRO A 4 -3.94 -0.60 -1.79
N ASN A 5 -4.31 0.46 -1.17
CA ASN A 5 -4.58 1.72 -1.84
C ASN A 5 -3.47 2.73 -1.66
N SER A 6 -2.43 2.32 -0.99
CA SER A 6 -1.30 3.16 -0.80
C SER A 6 -0.32 2.95 -1.95
N ASN A 7 0.21 4.03 -2.47
CA ASN A 7 1.13 4.00 -3.61
C ASN A 7 2.42 3.30 -3.22
N HIS A 8 2.88 3.57 -2.03
CA HIS A 8 4.13 2.98 -1.53
C HIS A 8 3.93 1.53 -1.07
N CYS A 9 2.73 1.04 -1.22
CA CYS A 9 2.43 -0.33 -0.90
C CYS A 9 2.65 -1.16 -2.15
N TRP A 10 3.81 -1.73 -2.23
CA TRP A 10 4.18 -2.51 -3.37
C TRP A 10 3.84 -3.96 -3.11
N HIS A 1 1.51 -5.36 6.88
CA HIS A 1 0.50 -5.17 5.86
C HIS A 1 0.48 -3.72 5.45
N CYS A 2 0.61 -3.47 4.20
CA CYS A 2 0.53 -2.12 3.69
C CYS A 2 -0.84 -1.93 3.07
N THR A 3 -1.37 -0.74 3.18
CA THR A 3 -2.67 -0.44 2.63
C THR A 3 -2.57 -0.56 1.10
N PRO A 4 -3.39 -1.41 0.46
CA PRO A 4 -3.32 -1.66 -0.99
C PRO A 4 -3.68 -0.42 -1.80
N ASN A 5 -4.27 0.50 -1.13
CA ASN A 5 -4.73 1.78 -1.68
C ASN A 5 -3.62 2.81 -1.63
N SER A 6 -2.54 2.46 -1.00
CA SER A 6 -1.43 3.34 -0.86
C SER A 6 -0.42 2.97 -1.94
N ASN A 7 0.09 3.97 -2.63
CA ASN A 7 1.01 3.76 -3.75
C ASN A 7 2.33 3.21 -3.28
N HIS A 8 2.66 3.46 -2.02
CA HIS A 8 3.92 2.98 -1.45
C HIS A 8 3.83 1.53 -0.99
N CYS A 9 2.65 0.94 -1.10
CA CYS A 9 2.45 -0.46 -0.75
C CYS A 9 3.01 -1.33 -1.85
N TRP A 10 3.09 -0.78 -3.04
CA TRP A 10 3.56 -1.53 -4.17
C TRP A 10 4.86 -0.93 -4.69
N HIS A 1 2.21 -5.63 6.37
CA HIS A 1 1.03 -5.39 5.56
C HIS A 1 0.91 -3.90 5.27
N CYS A 2 0.90 -3.56 4.01
CA CYS A 2 0.72 -2.19 3.59
C CYS A 2 -0.71 -1.97 3.11
N THR A 3 -1.18 -0.74 3.15
CA THR A 3 -2.51 -0.41 2.70
C THR A 3 -2.67 -0.60 1.18
N PRO A 4 -3.67 -1.38 0.74
CA PRO A 4 -3.87 -1.76 -0.69
C PRO A 4 -4.18 -0.60 -1.63
N ASN A 5 -4.38 0.53 -1.06
CA ASN A 5 -4.73 1.73 -1.83
C ASN A 5 -3.61 2.76 -1.82
N SER A 6 -2.47 2.41 -1.27
CA SER A 6 -1.39 3.35 -1.25
C SER A 6 -0.34 3.00 -2.29
N ASN A 7 0.30 4.00 -2.82
CA ASN A 7 1.35 3.82 -3.81
C ASN A 7 2.61 3.34 -3.13
N HIS A 8 2.65 3.49 -1.82
CA HIS A 8 3.79 3.08 -1.00
C HIS A 8 3.73 1.58 -0.71
N CYS A 9 2.61 0.98 -1.03
CA CYS A 9 2.41 -0.44 -0.81
C CYS A 9 2.88 -1.23 -2.03
N TRP A 10 2.69 -0.65 -3.20
CA TRP A 10 3.07 -1.24 -4.45
C TRP A 10 3.15 -0.14 -5.50
N HIS A 1 0.20 -4.53 8.54
CA HIS A 1 -0.60 -4.57 7.33
C HIS A 1 -0.29 -3.34 6.48
N CYS A 2 -0.09 -3.55 5.21
CA CYS A 2 0.16 -2.48 4.30
C CYS A 2 -1.13 -2.23 3.55
N THR A 3 -1.37 -1.02 3.14
CA THR A 3 -2.61 -0.65 2.53
C THR A 3 -2.50 -0.75 0.99
N PRO A 4 -3.40 -1.52 0.37
CA PRO A 4 -3.42 -1.73 -1.10
C PRO A 4 -3.83 -0.47 -1.87
N ASN A 5 -4.23 0.49 -1.12
CA ASN A 5 -4.66 1.78 -1.64
C ASN A 5 -3.59 2.82 -1.35
N SER A 6 -2.42 2.37 -0.97
CA SER A 6 -1.30 3.24 -0.75
C SER A 6 -0.35 3.04 -1.93
N ASN A 7 0.10 4.14 -2.51
CA ASN A 7 0.91 4.13 -3.73
C ASN A 7 2.28 3.48 -3.52
N HIS A 8 2.82 3.63 -2.35
CA HIS A 8 4.15 3.10 -2.05
C HIS A 8 4.07 1.71 -1.43
N CYS A 9 2.91 1.11 -1.49
CA CYS A 9 2.72 -0.19 -0.89
C CYS A 9 3.02 -1.28 -1.90
N TRP A 10 4.12 -1.95 -1.73
CA TRP A 10 4.50 -3.04 -2.60
C TRP A 10 3.91 -4.32 -2.05
N HIS A 1 0.18 -4.78 8.39
CA HIS A 1 -0.55 -4.82 7.13
C HIS A 1 -0.24 -3.61 6.32
N CYS A 2 -0.08 -3.78 5.04
CA CYS A 2 0.15 -2.68 4.16
C CYS A 2 -1.17 -2.36 3.49
N THR A 3 -1.44 -1.11 3.31
CA THR A 3 -2.70 -0.70 2.74
C THR A 3 -2.62 -0.72 1.21
N PRO A 4 -3.50 -1.49 0.55
CA PRO A 4 -3.52 -1.68 -0.93
C PRO A 4 -3.80 -0.41 -1.71
N ASN A 5 -4.24 0.56 -1.00
CA ASN A 5 -4.64 1.84 -1.56
C ASN A 5 -3.47 2.79 -1.62
N SER A 6 -2.38 2.40 -1.00
CA SER A 6 -1.20 3.19 -0.93
C SER A 6 -0.30 2.91 -2.15
N ASN A 7 0.14 3.97 -2.79
CA ASN A 7 1.02 3.88 -3.95
C ASN A 7 2.39 3.39 -3.54
N HIS A 8 2.78 3.73 -2.33
CA HIS A 8 4.07 3.34 -1.80
C HIS A 8 4.05 1.89 -1.32
N CYS A 9 2.87 1.29 -1.33
CA CYS A 9 2.71 -0.10 -0.93
C CYS A 9 3.07 -0.99 -2.10
N TRP A 10 3.00 -0.45 -3.30
CA TRP A 10 3.29 -1.21 -4.48
C TRP A 10 4.59 -0.70 -5.11
N HIS A 1 0.42 -6.14 5.27
CA HIS A 1 1.15 -5.15 6.08
C HIS A 1 0.81 -3.72 5.66
N CYS A 2 0.86 -3.42 4.38
CA CYS A 2 0.54 -2.09 3.91
C CYS A 2 -0.87 -2.07 3.30
N THR A 3 -1.47 -0.92 3.19
CA THR A 3 -2.78 -0.82 2.63
C THR A 3 -2.67 -0.68 1.10
N PRO A 4 -3.40 -1.52 0.33
CA PRO A 4 -3.32 -1.56 -1.16
C PRO A 4 -3.78 -0.27 -1.85
N ASN A 5 -4.30 0.58 -1.06
CA ASN A 5 -4.80 1.88 -1.51
C ASN A 5 -3.64 2.87 -1.58
N SER A 6 -2.53 2.49 -1.02
CA SER A 6 -1.37 3.32 -0.99
C SER A 6 -0.42 2.93 -2.11
N ASN A 7 0.17 3.94 -2.74
CA ASN A 7 1.12 3.74 -3.84
C ASN A 7 2.40 3.13 -3.32
N HIS A 8 2.78 3.50 -2.10
CA HIS A 8 4.00 2.99 -1.49
C HIS A 8 3.80 1.61 -0.90
N CYS A 9 2.65 1.04 -1.12
CA CYS A 9 2.41 -0.31 -0.72
C CYS A 9 2.83 -1.22 -1.86
N TRP A 10 3.26 -2.39 -1.55
CA TRP A 10 3.73 -3.30 -2.55
C TRP A 10 2.69 -4.36 -2.80
N HIS A 1 0.51 -4.18 8.65
CA HIS A 1 -0.31 -4.44 7.47
C HIS A 1 -0.21 -3.27 6.53
N CYS A 2 0.00 -3.54 5.28
CA CYS A 2 0.07 -2.50 4.30
C CYS A 2 -1.22 -2.45 3.54
N THR A 3 -1.69 -1.29 3.28
CA THR A 3 -2.91 -1.13 2.56
C THR A 3 -2.60 -0.85 1.08
N PRO A 4 -3.26 -1.58 0.16
CA PRO A 4 -3.03 -1.44 -1.29
C PRO A 4 -3.46 -0.09 -1.84
N ASN A 5 -4.12 0.65 -0.99
CA ASN A 5 -4.59 1.99 -1.30
C ASN A 5 -3.43 2.95 -1.38
N SER A 6 -2.36 2.60 -0.71
CA SER A 6 -1.17 3.37 -0.73
C SER A 6 -0.37 3.01 -2.00
N ASN A 7 0.00 4.02 -2.77
CA ASN A 7 0.74 3.81 -4.02
C ASN A 7 2.13 3.24 -3.73
N HIS A 8 2.66 3.59 -2.59
CA HIS A 8 3.97 3.16 -2.19
C HIS A 8 3.89 1.89 -1.32
N CYS A 9 2.83 1.12 -1.50
CA CYS A 9 2.68 -0.14 -0.81
C CYS A 9 3.45 -1.22 -1.55
N TRP A 10 3.32 -1.16 -2.86
CA TRP A 10 3.96 -2.08 -3.75
C TRP A 10 4.39 -1.29 -4.98
N HIS A 1 1.60 -5.84 6.64
CA HIS A 1 0.47 -5.68 5.74
C HIS A 1 0.22 -4.20 5.52
N CYS A 2 0.55 -3.73 4.35
CA CYS A 2 0.37 -2.35 4.02
C CYS A 2 -0.99 -2.14 3.37
N THR A 3 -1.44 -0.91 3.36
CA THR A 3 -2.72 -0.56 2.79
C THR A 3 -2.64 -0.57 1.26
N PRO A 4 -3.44 -1.44 0.61
CA PRO A 4 -3.35 -1.71 -0.84
C PRO A 4 -3.71 -0.56 -1.77
N ASN A 5 -4.20 0.47 -1.20
CA ASN A 5 -4.58 1.65 -1.97
C ASN A 5 -3.50 2.70 -1.91
N SER A 6 -2.52 2.45 -1.06
CA SER A 6 -1.43 3.36 -0.89
C SER A 6 -0.35 3.06 -1.95
N ASN A 7 0.15 4.12 -2.56
CA ASN A 7 1.08 4.02 -3.71
C ASN A 7 2.39 3.35 -3.38
N HIS A 8 2.89 3.56 -2.19
CA HIS A 8 4.15 2.96 -1.80
C HIS A 8 3.96 1.52 -1.35
N CYS A 9 2.73 1.16 -1.04
CA CYS A 9 2.40 -0.21 -0.70
C CYS A 9 2.38 -1.02 -1.99
N TRP A 10 1.60 -0.53 -2.95
CA TRP A 10 1.50 -1.14 -4.24
C TRP A 10 0.86 -0.14 -5.20
N HIS A 1 -0.93 -5.82 7.58
CA HIS A 1 -0.30 -5.79 6.26
C HIS A 1 -0.32 -4.38 5.69
N CYS A 2 0.15 -4.25 4.48
CA CYS A 2 0.24 -2.98 3.82
C CYS A 2 -1.13 -2.47 3.33
N THR A 3 -1.28 -1.16 3.24
CA THR A 3 -2.49 -0.54 2.78
C THR A 3 -2.55 -0.62 1.24
N PRO A 4 -3.58 -1.30 0.68
CA PRO A 4 -3.69 -1.57 -0.76
C PRO A 4 -4.00 -0.35 -1.61
N ASN A 5 -4.28 0.71 -0.96
CA ASN A 5 -4.64 1.94 -1.64
C ASN A 5 -3.46 2.89 -1.69
N SER A 6 -2.38 2.48 -1.10
CA SER A 6 -1.22 3.29 -1.07
C SER A 6 -0.29 2.94 -2.23
N ASN A 7 0.05 3.95 -3.02
CA ASN A 7 0.96 3.80 -4.16
C ASN A 7 2.30 3.24 -3.70
N HIS A 8 2.71 3.67 -2.55
CA HIS A 8 3.94 3.21 -1.94
C HIS A 8 3.66 2.09 -0.97
N CYS A 9 2.84 1.15 -1.41
CA CYS A 9 2.56 -0.03 -0.64
C CYS A 9 3.81 -0.93 -0.67
N TRP A 10 4.53 -0.97 0.43
CA TRP A 10 5.74 -1.75 0.51
C TRP A 10 5.43 -3.11 1.11
N HIS A 1 0.53 -6.01 6.87
CA HIS A 1 0.05 -5.80 5.52
C HIS A 1 0.07 -4.32 5.22
N CYS A 2 0.26 -3.99 3.99
CA CYS A 2 0.30 -2.61 3.59
C CYS A 2 -1.09 -2.14 3.28
N THR A 3 -1.30 -0.86 3.28
CA THR A 3 -2.53 -0.32 2.87
C THR A 3 -2.63 -0.47 1.33
N PRO A 4 -3.65 -1.22 0.85
CA PRO A 4 -3.76 -1.62 -0.57
C PRO A 4 -4.08 -0.49 -1.52
N ASN A 5 -4.39 0.61 -0.96
CA ASN A 5 -4.78 1.79 -1.70
C ASN A 5 -3.64 2.77 -1.79
N SER A 6 -2.52 2.41 -1.19
CA SER A 6 -1.37 3.25 -1.16
C SER A 6 -0.36 2.83 -2.22
N ASN A 7 0.13 3.79 -2.98
CA ASN A 7 1.16 3.54 -4.00
C ASN A 7 2.47 3.18 -3.31
N HIS A 8 2.62 3.64 -2.07
CA HIS A 8 3.82 3.37 -1.27
C HIS A 8 3.88 1.91 -0.80
N CYS A 9 2.93 1.10 -1.20
CA CYS A 9 3.01 -0.29 -0.91
C CYS A 9 3.74 -0.99 -2.03
N TRP A 10 4.96 -1.35 -1.80
CA TRP A 10 5.70 -2.12 -2.77
C TRP A 10 5.63 -3.59 -2.41
N HIS A 1 0.80 -5.39 7.47
CA HIS A 1 0.96 -5.20 6.03
C HIS A 1 0.59 -3.78 5.69
N CYS A 2 0.76 -3.39 4.46
CA CYS A 2 0.39 -2.06 4.03
C CYS A 2 -0.99 -2.09 3.39
N THR A 3 -1.62 -0.96 3.31
CA THR A 3 -2.88 -0.83 2.67
C THR A 3 -2.67 -0.67 1.16
N PRO A 4 -3.25 -1.57 0.31
CA PRO A 4 -3.03 -1.58 -1.16
C PRO A 4 -3.51 -0.32 -1.87
N ASN A 5 -4.17 0.49 -1.15
CA ASN A 5 -4.71 1.74 -1.63
C ASN A 5 -3.61 2.81 -1.62
N SER A 6 -2.54 2.53 -0.93
CA SER A 6 -1.42 3.44 -0.84
C SER A 6 -0.43 3.13 -1.98
N ASN A 7 0.13 4.18 -2.56
CA ASN A 7 1.03 4.06 -3.73
C ASN A 7 2.32 3.32 -3.42
N HIS A 8 2.81 3.47 -2.21
CA HIS A 8 4.05 2.83 -1.79
C HIS A 8 3.83 1.46 -1.18
N CYS A 9 2.63 0.96 -1.28
CA CYS A 9 2.34 -0.34 -0.74
C CYS A 9 2.77 -1.41 -1.73
N TRP A 10 3.12 -2.57 -1.25
CA TRP A 10 3.50 -3.66 -2.08
C TRP A 10 2.97 -4.94 -1.45
N HIS A 1 1.12 -4.78 8.10
CA HIS A 1 -0.15 -4.47 7.46
C HIS A 1 0.03 -3.35 6.47
N CYS A 2 0.09 -3.68 5.21
CA CYS A 2 0.23 -2.66 4.20
C CYS A 2 -1.12 -2.46 3.54
N THR A 3 -1.44 -1.25 3.26
CA THR A 3 -2.70 -0.92 2.69
C THR A 3 -2.56 -0.74 1.17
N PRO A 4 -3.36 -1.50 0.38
CA PRO A 4 -3.27 -1.53 -1.09
C PRO A 4 -3.65 -0.23 -1.78
N ASN A 5 -4.15 0.65 -1.00
CA ASN A 5 -4.62 1.95 -1.47
C ASN A 5 -3.47 2.93 -1.57
N SER A 6 -2.38 2.58 -0.97
CA SER A 6 -1.22 3.39 -0.98
C SER A 6 -0.36 2.98 -2.16
N ASN A 7 0.11 3.95 -2.93
CA ASN A 7 0.98 3.67 -4.07
C ASN A 7 2.32 3.20 -3.55
N HIS A 8 2.63 3.63 -2.33
CA HIS A 8 3.89 3.31 -1.68
C HIS A 8 3.87 1.88 -1.14
N CYS A 9 2.76 1.22 -1.32
CA CYS A 9 2.62 -0.15 -0.89
C CYS A 9 3.04 -1.08 -2.03
N TRP A 10 3.05 -0.52 -3.23
CA TRP A 10 3.36 -1.28 -4.42
C TRP A 10 4.70 -0.82 -4.97
N HIS A 1 1.33 -5.67 5.33
CA HIS A 1 0.96 -4.57 6.23
C HIS A 1 0.77 -3.25 5.48
N CYS A 2 0.92 -3.24 4.17
CA CYS A 2 0.74 -2.00 3.44
C CYS A 2 -0.70 -1.86 3.00
N THR A 3 -1.20 -0.66 3.06
CA THR A 3 -2.55 -0.38 2.67
C THR A 3 -2.67 -0.56 1.14
N PRO A 4 -3.60 -1.39 0.68
CA PRO A 4 -3.75 -1.77 -0.75
C PRO A 4 -4.09 -0.61 -1.68
N ASN A 5 -4.37 0.49 -1.11
CA ASN A 5 -4.70 1.69 -1.86
C ASN A 5 -3.59 2.72 -1.81
N SER A 6 -2.50 2.33 -1.19
CA SER A 6 -1.36 3.20 -1.07
C SER A 6 -0.36 2.95 -2.18
N ASN A 7 0.26 4.01 -2.63
CA ASN A 7 1.30 3.94 -3.65
C ASN A 7 2.59 3.43 -3.05
N HIS A 8 2.64 3.39 -1.73
CA HIS A 8 3.81 2.92 -1.01
C HIS A 8 3.64 1.46 -0.65
N CYS A 9 2.60 0.88 -1.18
CA CYS A 9 2.34 -0.51 -0.97
C CYS A 9 2.83 -1.27 -2.18
N TRP A 10 3.78 -2.12 -1.95
CA TRP A 10 4.34 -2.93 -3.00
C TRP A 10 4.10 -4.41 -2.73
#